data_6G9Z
#
_entry.id   6G9Z
#
_cell.length_a   46.075
_cell.length_b   63.379
_cell.length_c   76.836
_cell.angle_alpha   90.00
_cell.angle_beta   90.00
_cell.angle_gamma   90.00
#
_symmetry.space_group_name_H-M   'P 21 21 21'
#
loop_
_entity.id
_entity.type
_entity.pdbx_description
1 polymer 'Histidine triad nucleotide-binding protein 1'
2 non-polymer '(2S)-2-hydroxybutanedioic acid'
3 water water
#
_entity_poly.entity_id   1
_entity_poly.type   'polypeptide(L)'
_entity_poly.pdbx_seq_one_letter_code
;MADEIAKAQVARPGGDTIFGKIIRKEIPAKIIFEDDRCLAFHDISPQAPTHFLVIPKKHISQISVAEDDDESLLGHLMIV
GKKCAADLGLNKGYRMVVNEGSDGGQSVYHVHLHVLGGRQMHWPPG
;
_entity_poly.pdbx_strand_id   A,B
#
# COMPACT_ATOMS: atom_id res chain seq x y z
N ALA A 6 15.06 4.48 -30.65
CA ALA A 6 14.52 3.78 -29.43
C ALA A 6 13.01 3.46 -29.58
N LYS A 7 12.62 2.18 -29.77
CA LYS A 7 11.16 1.79 -29.90
C LYS A 7 10.85 0.39 -29.28
N ALA A 8 11.56 -0.70 -29.67
CA ALA A 8 11.07 -2.13 -29.45
C ALA A 8 11.06 -2.58 -27.97
N GLN A 9 10.01 -3.30 -27.62
N GLN A 9 9.96 -3.27 -27.63
CA GLN A 9 9.78 -3.79 -26.27
CA GLN A 9 9.68 -3.78 -26.30
C GLN A 9 9.22 -5.22 -26.32
C GLN A 9 9.25 -5.26 -26.37
N VAL A 10 9.60 -6.02 -25.33
CA VAL A 10 9.04 -7.38 -25.14
C VAL A 10 8.74 -7.56 -23.64
N ALA A 11 7.61 -8.19 -23.27
CA ALA A 11 7.29 -8.43 -21.84
C ALA A 11 6.63 -9.82 -21.66
N ARG A 12 6.85 -10.41 -20.47
CA ARG A 12 6.19 -11.68 -20.06
C ARG A 12 5.67 -11.50 -18.63
N PRO A 13 4.51 -10.84 -18.53
CA PRO A 13 4.04 -10.60 -17.17
C PRO A 13 3.84 -11.82 -16.26
N GLY A 14 3.38 -12.96 -16.83
CA GLY A 14 3.12 -14.19 -16.09
C GLY A 14 4.38 -15.03 -15.87
N GLY A 15 5.49 -14.62 -16.44
CA GLY A 15 6.74 -15.35 -16.50
C GLY A 15 7.53 -15.17 -15.22
N ASP A 16 8.61 -15.95 -15.10
CA ASP A 16 9.43 -15.90 -13.91
C ASP A 16 10.12 -14.53 -13.77
N THR A 17 10.36 -14.21 -12.50
CA THR A 17 11.10 -12.99 -12.20
C THR A 17 12.21 -13.26 -11.19
N ILE A 18 13.10 -12.25 -10.97
CA ILE A 18 14.07 -12.39 -9.92
C ILE A 18 13.41 -12.65 -8.53
N PHE A 19 12.21 -12.13 -8.29
CA PHE A 19 11.59 -12.40 -7.01
C PHE A 19 11.17 -13.88 -6.88
N GLY A 20 10.77 -14.54 -7.99
CA GLY A 20 10.64 -15.97 -8.02
C GLY A 20 11.90 -16.73 -7.64
N LYS A 21 13.03 -16.26 -8.18
CA LYS A 21 14.29 -16.88 -7.87
C LYS A 21 14.62 -16.70 -6.38
N ILE A 22 14.27 -15.55 -5.79
CA ILE A 22 14.54 -15.36 -4.38
C ILE A 22 13.68 -16.30 -3.52
N ILE A 23 12.41 -16.45 -3.86
CA ILE A 23 11.49 -17.33 -3.14
C ILE A 23 12.01 -18.80 -3.19
N ARG A 24 12.50 -19.23 -4.35
CA ARG A 24 13.04 -20.59 -4.58
C ARG A 24 14.42 -20.77 -3.97
N LYS A 25 14.97 -19.70 -3.40
CA LYS A 25 16.31 -19.70 -2.78
C LYS A 25 17.43 -19.96 -3.80
N GLU A 26 17.16 -19.71 -5.06
CA GLU A 26 18.19 -19.93 -6.12
C GLU A 26 19.26 -18.82 -6.08
N ILE A 27 18.87 -17.61 -5.63
CA ILE A 27 19.82 -16.53 -5.42
C ILE A 27 19.59 -15.92 -4.03
N PRO A 28 20.65 -15.37 -3.46
CA PRO A 28 20.50 -14.94 -2.09
C PRO A 28 19.77 -13.60 -1.92
N ALA A 29 19.29 -13.42 -0.67
CA ALA A 29 18.66 -12.19 -0.19
C ALA A 29 18.73 -12.24 1.33
N LYS A 30 18.68 -11.08 1.99
N LYS A 30 18.77 -11.09 2.03
CA LYS A 30 18.65 -11.00 3.43
CA LYS A 30 18.71 -11.09 3.49
C LYS A 30 17.20 -11.15 3.88
C LYS A 30 17.24 -11.17 3.89
N ILE A 31 16.85 -12.37 4.25
CA ILE A 31 15.48 -12.76 4.62
C ILE A 31 15.20 -12.32 6.06
N ILE A 32 14.07 -11.62 6.22
CA ILE A 32 13.60 -11.10 7.50
C ILE A 32 12.53 -12.01 8.08
N PHE A 33 11.66 -12.54 7.22
CA PHE A 33 10.52 -13.34 7.74
C PHE A 33 10.06 -14.22 6.59
N GLU A 34 9.60 -15.46 6.91
CA GLU A 34 8.94 -16.33 5.94
C GLU A 34 7.79 -17.06 6.62
N ASP A 35 6.77 -17.37 5.84
CA ASP A 35 5.73 -18.27 6.21
C ASP A 35 5.32 -19.05 4.95
N ASP A 36 4.18 -19.70 5.00
CA ASP A 36 3.76 -20.59 3.94
C ASP A 36 3.27 -19.79 2.73
N ARG A 37 3.06 -18.49 2.82
CA ARG A 37 2.41 -17.74 1.76
C ARG A 37 3.07 -16.39 1.44
N CYS A 38 4.18 -16.04 2.08
CA CYS A 38 4.84 -14.79 1.81
C CYS A 38 6.32 -14.89 2.25
N LEU A 39 7.09 -13.90 1.79
CA LEU A 39 8.50 -13.74 2.12
C LEU A 39 8.76 -12.23 2.24
N ALA A 40 9.48 -11.89 3.31
CA ALA A 40 9.92 -10.54 3.64
C ALA A 40 11.45 -10.47 3.64
N PHE A 41 12.03 -9.57 2.89
CA PHE A 41 13.49 -9.47 2.75
C PHE A 41 13.91 -8.02 2.46
N HIS A 42 15.13 -7.71 2.84
CA HIS A 42 15.68 -6.38 2.60
C HIS A 42 15.87 -6.14 1.11
N ASP A 43 15.50 -4.93 0.67
N ASP A 43 15.52 -4.95 0.66
CA ASP A 43 15.63 -4.46 -0.75
CA ASP A 43 15.68 -4.65 -0.74
C ASP A 43 17.12 -4.39 -1.09
C ASP A 43 17.17 -4.50 -1.05
N ILE A 44 17.56 -4.90 -2.26
CA ILE A 44 18.96 -4.78 -2.65
C ILE A 44 19.35 -3.35 -3.08
N SER A 45 18.38 -2.48 -3.31
N SER A 45 18.38 -2.51 -3.45
CA SER A 45 18.68 -1.10 -3.68
CA SER A 45 18.63 -1.06 -3.69
C SER A 45 17.93 -0.15 -2.74
C SER A 45 17.81 -0.22 -2.71
N PRO A 46 18.22 -0.22 -1.41
CA PRO A 46 17.44 0.45 -0.39
C PRO A 46 17.42 1.98 -0.52
N GLN A 47 16.21 2.53 -0.31
CA GLN A 47 15.95 3.99 -0.47
C GLN A 47 15.73 4.67 0.88
N ALA A 48 15.95 3.96 1.96
CA ALA A 48 15.87 4.42 3.35
C ALA A 48 16.79 3.56 4.21
N PRO A 49 17.12 4.04 5.39
CA PRO A 49 18.00 3.18 6.28
C PRO A 49 17.43 1.77 6.52
N THR A 50 16.10 1.66 6.56
CA THR A 50 15.44 0.39 6.51
C THR A 50 14.46 0.40 5.35
N HIS A 51 14.64 -0.55 4.45
CA HIS A 51 13.79 -0.72 3.25
C HIS A 51 13.72 -2.20 2.93
N PHE A 52 12.53 -2.79 3.18
CA PHE A 52 12.35 -4.18 2.86
C PHE A 52 11.04 -4.32 2.06
N LEU A 53 10.88 -5.53 1.54
CA LEU A 53 9.74 -5.93 0.70
C LEU A 53 9.04 -7.09 1.40
N VAL A 54 7.70 -7.14 1.25
CA VAL A 54 6.88 -8.33 1.61
C VAL A 54 6.16 -8.76 0.34
N ILE A 55 6.39 -10.01 -0.07
CA ILE A 55 5.86 -10.46 -1.38
C ILE A 55 5.04 -11.74 -1.13
N PRO A 56 4.01 -11.94 -1.89
CA PRO A 56 3.30 -13.26 -1.84
C PRO A 56 4.16 -14.34 -2.54
N LYS A 57 3.97 -15.57 -2.13
CA LYS A 57 4.53 -16.74 -2.84
C LYS A 57 3.76 -17.00 -4.13
N LYS A 58 2.47 -16.78 -4.07
CA LYS A 58 1.69 -16.79 -5.27
C LYS A 58 2.15 -15.68 -6.23
N HIS A 59 2.33 -15.99 -7.50
CA HIS A 59 2.74 -15.05 -8.46
C HIS A 59 1.53 -14.28 -9.01
N ILE A 60 1.13 -13.27 -8.26
CA ILE A 60 0.25 -12.23 -8.76
C ILE A 60 1.16 -11.20 -9.42
N SER A 61 1.01 -10.97 -10.72
CA SER A 61 1.97 -10.15 -11.47
C SER A 61 1.85 -8.66 -11.09
N GLN A 62 0.62 -8.18 -10.92
CA GLN A 62 0.33 -6.75 -10.73
C GLN A 62 -0.92 -6.62 -9.88
N ILE A 63 -0.98 -5.66 -8.95
CA ILE A 63 -2.24 -5.48 -8.16
C ILE A 63 -3.48 -5.23 -9.06
N SER A 64 -3.28 -4.69 -10.26
CA SER A 64 -4.37 -4.40 -11.14
C SER A 64 -5.07 -5.69 -11.60
N VAL A 65 -4.38 -6.84 -11.51
CA VAL A 65 -4.97 -8.11 -12.03
C VAL A 65 -5.28 -9.07 -10.85
N ALA A 66 -5.12 -8.61 -9.60
CA ALA A 66 -5.48 -9.39 -8.43
C ALA A 66 -6.99 -9.64 -8.45
N GLU A 67 -7.38 -10.80 -7.86
CA GLU A 67 -8.75 -11.27 -7.86
C GLU A 67 -9.34 -10.98 -6.49
N ASP A 68 -10.67 -11.02 -6.43
CA ASP A 68 -11.38 -10.72 -5.15
C ASP A 68 -10.89 -11.67 -4.04
N ASP A 69 -10.68 -12.93 -4.40
N ASP A 69 -10.68 -12.93 -4.40
CA ASP A 69 -10.33 -13.97 -3.44
CA ASP A 69 -10.33 -13.98 -3.44
C ASP A 69 -8.89 -13.80 -2.94
C ASP A 69 -8.88 -13.83 -2.96
N ASP A 70 -8.13 -12.89 -3.52
CA ASP A 70 -6.78 -12.54 -3.00
C ASP A 70 -6.84 -11.53 -1.85
N GLU A 71 -8.03 -11.12 -1.47
N GLU A 71 -8.01 -11.11 -1.36
CA GLU A 71 -8.14 -10.05 -0.52
CA GLU A 71 -8.01 -10.00 -0.36
C GLU A 71 -7.26 -10.30 0.71
C GLU A 71 -7.32 -10.41 0.95
N SER A 72 -7.46 -11.46 1.32
N SER A 72 -7.57 -11.61 1.43
CA SER A 72 -6.89 -11.78 2.62
CA SER A 72 -6.90 -12.04 2.65
C SER A 72 -5.37 -12.11 2.56
C SER A 72 -5.38 -11.99 2.48
N LEU A 73 -4.88 -12.68 1.45
CA LEU A 73 -3.46 -12.66 1.15
C LEU A 73 -2.85 -11.26 1.06
N LEU A 74 -3.53 -10.33 0.37
CA LEU A 74 -2.90 -9.00 0.24
C LEU A 74 -2.89 -8.30 1.62
N GLY A 75 -3.94 -8.52 2.41
CA GLY A 75 -3.94 -7.97 3.78
C GLY A 75 -2.82 -8.57 4.65
N HIS A 76 -2.55 -9.86 4.45
CA HIS A 76 -1.47 -10.57 5.11
C HIS A 76 -0.12 -9.92 4.80
N LEU A 77 0.10 -9.44 3.59
CA LEU A 77 1.33 -8.69 3.34
C LEU A 77 1.47 -7.52 4.31
N MET A 78 0.35 -6.83 4.56
N MET A 78 0.36 -6.82 4.53
CA MET A 78 0.40 -5.58 5.32
CA MET A 78 0.39 -5.59 5.29
C MET A 78 0.61 -5.89 6.79
C MET A 78 0.61 -5.90 6.76
N ILE A 79 -0.06 -6.92 7.27
CA ILE A 79 0.13 -7.32 8.66
C ILE A 79 1.57 -7.79 8.91
N VAL A 80 2.11 -8.65 8.00
CA VAL A 80 3.48 -9.09 8.09
C VAL A 80 4.42 -7.86 8.03
N GLY A 81 4.11 -6.93 7.14
CA GLY A 81 4.95 -5.68 6.98
C GLY A 81 4.96 -4.90 8.28
N LYS A 82 3.81 -4.73 8.92
CA LYS A 82 3.83 -3.91 10.17
C LYS A 82 4.55 -4.63 11.32
N LYS A 83 4.36 -5.96 11.40
N LYS A 83 4.39 -5.95 11.38
CA LYS A 83 5.04 -6.77 12.42
CA LYS A 83 5.02 -6.76 12.42
C LYS A 83 6.56 -6.73 12.22
C LYS A 83 6.55 -6.77 12.21
N CYS A 84 6.99 -6.90 10.96
CA CYS A 84 8.43 -6.83 10.69
C CYS A 84 8.97 -5.42 11.05
N ALA A 85 8.18 -4.37 10.75
CA ALA A 85 8.65 -3.01 11.04
C ALA A 85 8.84 -2.81 12.55
N ALA A 86 7.89 -3.29 13.35
CA ALA A 86 8.07 -3.20 14.81
C ALA A 86 9.31 -3.99 15.26
N ASP A 87 9.50 -5.21 14.73
CA ASP A 87 10.64 -5.99 15.18
C ASP A 87 11.96 -5.32 14.74
N LEU A 88 11.99 -4.58 13.60
CA LEU A 88 13.21 -3.89 13.15
C LEU A 88 13.33 -2.53 13.81
N GLY A 89 12.42 -2.19 14.74
CA GLY A 89 12.60 -0.97 15.54
C GLY A 89 12.14 0.31 14.85
N LEU A 90 11.19 0.27 13.91
CA LEU A 90 10.68 1.49 13.22
C LEU A 90 9.51 2.15 13.98
N ASN A 91 9.81 2.45 15.23
CA ASN A 91 8.87 2.98 16.20
C ASN A 91 8.57 4.46 15.90
N LYS A 92 9.34 5.16 15.05
CA LYS A 92 9.02 6.57 14.70
C LYS A 92 8.18 6.65 13.43
N GLY A 93 7.98 5.53 12.81
CA GLY A 93 7.04 5.38 11.74
C GLY A 93 7.66 4.86 10.47
N TYR A 94 6.83 4.77 9.45
CA TYR A 94 7.28 4.13 8.17
C TYR A 94 6.23 4.42 7.09
N ARG A 95 6.56 4.07 5.84
CA ARG A 95 5.68 4.16 4.68
C ARG A 95 5.63 2.80 3.97
N MET A 96 4.38 2.40 3.69
CA MET A 96 4.12 1.26 2.90
C MET A 96 3.69 1.66 1.50
N VAL A 97 4.22 0.95 0.49
CA VAL A 97 4.01 1.29 -0.92
C VAL A 97 3.78 0.04 -1.79
N VAL A 98 2.76 0.14 -2.66
CA VAL A 98 2.58 -0.83 -3.76
C VAL A 98 2.59 -0.04 -5.06
N ASN A 99 3.48 -0.43 -5.99
CA ASN A 99 3.54 0.21 -7.33
C ASN A 99 2.84 -0.64 -8.36
N GLU A 100 2.11 0.03 -9.25
CA GLU A 100 1.38 -0.59 -10.38
C GLU A 100 1.75 0.03 -11.74
N GLY A 101 2.27 -0.79 -12.67
CA GLY A 101 2.48 -0.36 -14.05
C GLY A 101 3.55 0.68 -14.24
N SER A 102 3.50 1.30 -15.42
N SER A 102 3.55 1.32 -15.39
CA SER A 102 4.50 2.26 -15.89
CA SER A 102 4.65 2.27 -15.73
C SER A 102 4.50 3.53 -15.01
C SER A 102 4.54 3.58 -14.95
N ASP A 103 3.34 4.15 -14.90
CA ASP A 103 3.24 5.41 -14.16
C ASP A 103 3.50 5.18 -12.66
N GLY A 104 3.23 4.02 -12.14
CA GLY A 104 3.49 3.71 -10.76
C GLY A 104 4.94 3.35 -10.49
N GLY A 105 5.73 3.13 -11.52
CA GLY A 105 7.16 2.82 -11.27
C GLY A 105 7.39 1.35 -10.89
N GLN A 106 6.46 0.46 -11.30
CA GLN A 106 6.57 -0.97 -10.91
C GLN A 106 7.87 -1.57 -11.51
N SER A 107 8.79 -2.11 -10.71
CA SER A 107 10.13 -2.56 -11.17
C SER A 107 10.13 -4.03 -11.61
N VAL A 108 9.21 -4.80 -11.04
CA VAL A 108 9.18 -6.28 -11.16
C VAL A 108 7.73 -6.73 -11.31
N TYR A 109 7.42 -7.60 -12.26
CA TYR A 109 6.06 -8.13 -12.43
C TYR A 109 5.72 -9.22 -11.40
N HIS A 110 5.86 -8.92 -10.13
CA HIS A 110 5.45 -9.78 -9.02
C HIS A 110 5.06 -8.78 -7.91
N VAL A 111 3.80 -8.77 -7.49
CA VAL A 111 3.30 -7.79 -6.49
C VAL A 111 4.26 -7.76 -5.32
N HIS A 112 4.55 -6.57 -4.84
CA HIS A 112 5.39 -6.44 -3.70
C HIS A 112 5.04 -5.18 -2.90
N LEU A 113 5.02 -5.35 -1.57
CA LEU A 113 4.78 -4.23 -0.65
C LEU A 113 6.13 -3.76 -0.14
N HIS A 114 6.43 -2.51 -0.41
CA HIS A 114 7.59 -1.87 0.15
C HIS A 114 7.31 -1.37 1.58
N VAL A 115 8.29 -1.51 2.52
CA VAL A 115 8.23 -0.86 3.81
C VAL A 115 9.51 -0.05 4.00
N LEU A 116 9.40 1.26 4.15
CA LEU A 116 10.52 2.17 4.29
C LEU A 116 10.45 2.97 5.60
N GLY A 117 11.58 3.06 6.25
CA GLY A 117 11.62 3.86 7.45
C GLY A 117 13.04 4.15 7.92
N GLY A 118 13.17 4.70 9.11
CA GLY A 118 14.52 5.14 9.58
C GLY A 118 14.99 6.51 9.10
N ARG A 119 14.18 7.22 8.31
CA ARG A 119 14.39 8.63 7.94
C ARG A 119 13.02 9.30 7.80
N GLN A 120 12.98 10.61 7.73
CA GLN A 120 11.74 11.28 7.38
C GLN A 120 11.40 10.95 5.93
N MET A 121 10.18 10.45 5.72
CA MET A 121 9.68 10.27 4.34
C MET A 121 8.91 11.55 3.94
N HIS A 122 8.96 11.90 2.66
CA HIS A 122 8.56 13.21 2.16
C HIS A 122 7.27 13.11 1.33
N TRP A 123 6.71 14.27 1.01
CA TRP A 123 5.45 14.35 0.39
C TRP A 123 5.55 15.34 -0.77
N PRO A 124 5.08 15.03 -1.96
CA PRO A 124 4.33 13.82 -2.32
C PRO A 124 5.28 12.60 -2.32
N PRO A 125 4.68 11.37 -2.30
CA PRO A 125 5.48 10.08 -2.26
C PRO A 125 5.95 9.68 -3.68
N GLY A 126 6.78 10.54 -4.29
CA GLY A 126 7.18 10.47 -5.63
C GLY A 126 6.24 11.23 -6.53
N GLN B 9 -4.87 21.64 21.22
CA GLN B 9 -3.76 21.30 20.29
C GLN B 9 -3.43 19.80 20.38
N VAL B 10 -3.07 19.21 19.24
CA VAL B 10 -2.62 17.79 19.12
C VAL B 10 -3.86 16.88 19.23
N ALA B 11 -4.47 16.55 18.07
CA ALA B 11 -5.36 15.41 17.98
C ALA B 11 -4.52 14.17 18.28
N ARG B 12 -4.89 13.41 19.30
CA ARG B 12 -4.10 12.29 19.78
C ARG B 12 -4.64 11.04 19.12
N PRO B 13 -3.78 10.03 18.97
CA PRO B 13 -4.23 8.76 18.47
C PRO B 13 -5.40 8.29 19.34
N GLY B 14 -6.46 7.84 18.69
CA GLY B 14 -7.69 7.38 19.36
C GLY B 14 -8.83 8.39 19.21
N GLY B 15 -8.49 9.65 18.94
CA GLY B 15 -9.49 10.74 18.73
C GLY B 15 -10.15 10.62 17.36
N ASP B 16 -11.36 11.15 17.25
N ASP B 16 -11.35 11.16 17.27
CA ASP B 16 -12.09 11.14 15.97
CA ASP B 16 -12.05 11.24 16.00
C ASP B 16 -11.48 12.18 15.03
C ASP B 16 -11.22 12.05 14.98
N THR B 17 -11.60 11.96 13.71
CA THR B 17 -10.93 12.72 12.66
C THR B 17 -11.97 13.23 11.68
N ILE B 18 -11.48 14.01 10.73
CA ILE B 18 -12.29 14.49 9.63
C ILE B 18 -12.96 13.32 8.87
N PHE B 19 -12.32 12.19 8.82
CA PHE B 19 -12.89 11.09 8.12
C PHE B 19 -14.23 10.71 8.73
N GLY B 20 -14.39 10.86 10.05
CA GLY B 20 -15.77 10.56 10.61
C GLY B 20 -16.84 11.45 10.03
N LYS B 21 -16.50 12.73 9.84
N LYS B 21 -16.51 12.72 9.82
CA LYS B 21 -17.42 13.72 9.26
CA LYS B 21 -17.45 13.69 9.26
C LYS B 21 -17.75 13.31 7.82
C LYS B 21 -17.75 13.33 7.80
N ILE B 22 -16.76 12.79 7.09
CA ILE B 22 -16.97 12.47 5.65
C ILE B 22 -17.88 11.23 5.57
N ILE B 23 -17.59 10.23 6.46
CA ILE B 23 -18.45 8.99 6.56
C ILE B 23 -19.93 9.35 6.86
N ARG B 24 -20.19 10.31 7.77
CA ARG B 24 -21.51 10.63 8.20
C ARG B 24 -22.14 11.69 7.27
N LYS B 25 -21.44 12.12 6.23
N LYS B 25 -21.46 12.11 6.21
CA LYS B 25 -21.96 13.05 5.20
CA LYS B 25 -22.00 13.08 5.20
C LYS B 25 -22.23 14.41 5.89
C LYS B 25 -22.17 14.46 5.84
N GLU B 26 -21.42 14.77 6.90
CA GLU B 26 -21.55 16.07 7.59
C GLU B 26 -20.77 17.16 6.86
N ILE B 27 -19.86 16.79 6.00
CA ILE B 27 -19.20 17.76 5.11
C ILE B 27 -19.17 17.16 3.71
N PRO B 28 -19.08 18.04 2.70
CA PRO B 28 -19.06 17.57 1.31
C PRO B 28 -17.74 16.84 0.98
N ALA B 29 -17.87 15.77 0.21
CA ALA B 29 -16.73 15.03 -0.40
C ALA B 29 -17.20 14.38 -1.71
N LYS B 30 -16.27 14.22 -2.64
CA LYS B 30 -16.51 13.52 -3.89
C LYS B 30 -16.24 12.03 -3.65
N ILE B 31 -17.33 11.30 -3.43
CA ILE B 31 -17.30 9.89 -3.06
C ILE B 31 -17.33 9.05 -4.33
N ILE B 32 -16.34 8.14 -4.39
CA ILE B 32 -16.16 7.23 -5.54
C ILE B 32 -16.92 5.90 -5.30
N PHE B 33 -16.83 5.40 -4.09
CA PHE B 33 -17.33 4.06 -3.76
C PHE B 33 -17.62 3.98 -2.26
N GLU B 34 -18.70 3.26 -1.91
CA GLU B 34 -19.04 3.02 -0.52
C GLU B 34 -19.66 1.64 -0.39
N ASP B 35 -19.16 0.88 0.57
CA ASP B 35 -19.80 -0.37 0.92
C ASP B 35 -19.83 -0.45 2.46
N ASP B 36 -20.24 -1.63 2.95
N ASP B 36 -20.28 -1.61 2.98
CA ASP B 36 -20.45 -1.86 4.38
CA ASP B 36 -20.46 -1.75 4.43
C ASP B 36 -19.13 -1.78 5.14
C ASP B 36 -19.12 -1.68 5.15
N ARG B 37 -18.00 -1.84 4.43
CA ARG B 37 -16.66 -1.96 5.09
C ARG B 37 -15.78 -0.72 4.89
N CYS B 38 -16.03 0.06 3.84
CA CYS B 38 -15.06 1.09 3.46
C CYS B 38 -15.68 2.17 2.60
N LEU B 39 -14.91 3.26 2.44
CA LEU B 39 -15.36 4.42 1.65
C LEU B 39 -14.16 4.90 0.85
N ALA B 40 -14.34 5.21 -0.42
CA ALA B 40 -13.31 5.83 -1.19
C ALA B 40 -13.78 7.20 -1.67
N PHE B 41 -12.86 8.20 -1.61
CA PHE B 41 -13.21 9.58 -2.02
C PHE B 41 -11.93 10.33 -2.43
N HIS B 42 -12.15 11.37 -3.23
CA HIS B 42 -11.01 12.15 -3.74
C HIS B 42 -10.39 13.00 -2.62
N ASP B 43 -9.07 13.03 -2.63
CA ASP B 43 -8.26 13.81 -1.67
C ASP B 43 -8.36 15.29 -2.02
N ILE B 44 -8.50 16.13 -1.01
CA ILE B 44 -8.80 17.53 -1.29
C ILE B 44 -7.50 18.33 -1.48
N SER B 45 -6.35 17.72 -1.20
N SER B 45 -6.36 17.71 -1.16
CA SER B 45 -5.02 18.31 -1.48
CA SER B 45 -5.04 18.24 -1.42
C SER B 45 -4.23 17.36 -2.42
C SER B 45 -4.30 17.29 -2.37
N PRO B 46 -4.77 17.20 -3.63
CA PRO B 46 -4.24 16.15 -4.50
C PRO B 46 -2.79 16.47 -4.92
N GLN B 47 -2.01 15.38 -5.06
CA GLN B 47 -0.58 15.46 -5.41
C GLN B 47 -0.29 14.84 -6.79
N ALA B 48 -1.37 14.51 -7.53
CA ALA B 48 -1.30 13.91 -8.89
C ALA B 48 -2.66 14.21 -9.54
N PRO B 49 -2.75 14.08 -10.86
CA PRO B 49 -4.06 14.37 -11.50
C PRO B 49 -5.25 13.53 -10.99
N THR B 50 -4.99 12.30 -10.59
CA THR B 50 -5.91 11.50 -9.78
C THR B 50 -5.22 11.21 -8.43
N HIS B 51 -5.91 11.54 -7.34
CA HIS B 51 -5.43 11.26 -5.98
C HIS B 51 -6.64 11.03 -5.10
N PHE B 52 -6.87 9.78 -4.69
CA PHE B 52 -8.01 9.39 -3.83
C PHE B 52 -7.53 8.53 -2.68
N LEU B 53 -8.40 8.49 -1.68
CA LEU B 53 -8.19 7.69 -0.46
C LEU B 53 -9.21 6.55 -0.40
N VAL B 54 -8.78 5.44 0.19
CA VAL B 54 -9.72 4.37 0.57
C VAL B 54 -9.58 4.15 2.07
N ILE B 55 -10.72 4.19 2.79
CA ILE B 55 -10.61 4.18 4.29
C ILE B 55 -11.55 3.10 4.83
N PRO B 56 -11.15 2.43 5.89
CA PRO B 56 -12.13 1.54 6.52
C PRO B 56 -13.19 2.33 7.31
N LYS B 57 -14.38 1.77 7.40
CA LYS B 57 -15.43 2.34 8.34
C LYS B 57 -15.07 2.02 9.80
N LYS B 58 -14.50 0.86 10.07
CA LYS B 58 -13.94 0.59 11.39
C LYS B 58 -12.81 1.59 11.63
N HIS B 59 -12.82 2.18 12.84
CA HIS B 59 -11.81 3.12 13.25
C HIS B 59 -10.56 2.36 13.67
N ILE B 60 -9.63 2.23 12.75
CA ILE B 60 -8.27 1.78 13.07
C ILE B 60 -7.39 3.04 13.07
N SER B 61 -6.83 3.41 14.23
N SER B 61 -6.82 3.34 14.26
CA SER B 61 -6.17 4.72 14.34
CA SER B 61 -6.11 4.60 14.50
C SER B 61 -4.87 4.76 13.53
C SER B 61 -4.87 4.74 13.61
N GLN B 62 -4.15 3.64 13.45
CA GLN B 62 -2.81 3.63 12.86
C GLN B 62 -2.53 2.20 12.37
N ILE B 63 -1.89 1.99 11.22
CA ILE B 63 -1.65 0.62 10.78
C ILE B 63 -0.83 -0.17 11.82
N SER B 64 0.02 0.53 12.62
CA SER B 64 0.82 -0.22 13.61
C SER B 64 -0.05 -0.92 14.67
N VAL B 65 -1.33 -0.53 14.88
CA VAL B 65 -2.18 -1.15 15.84
C VAL B 65 -3.30 -1.94 15.14
N ALA B 66 -3.20 -2.23 13.84
CA ALA B 66 -4.14 -3.19 13.22
C ALA B 66 -4.02 -4.57 13.87
N GLU B 67 -5.14 -5.27 14.05
N GLU B 67 -5.16 -5.25 14.04
CA GLU B 67 -5.06 -6.60 14.64
CA GLU B 67 -5.18 -6.59 14.63
C GLU B 67 -5.00 -7.62 13.50
C GLU B 67 -5.03 -7.62 13.50
N ASP B 68 -4.61 -8.84 13.86
CA ASP B 68 -4.45 -9.92 12.89
C ASP B 68 -5.77 -10.11 12.13
N ASP B 69 -6.94 -9.95 12.78
CA ASP B 69 -8.25 -10.28 12.19
C ASP B 69 -8.66 -9.18 11.21
N ASP B 70 -7.92 -8.08 11.23
CA ASP B 70 -8.15 -6.98 10.22
C ASP B 70 -7.53 -7.29 8.85
N GLU B 71 -6.92 -8.45 8.68
CA GLU B 71 -6.26 -8.83 7.42
C GLU B 71 -7.18 -8.64 6.21
N SER B 72 -8.34 -9.24 6.27
N SER B 72 -8.35 -9.24 6.24
CA SER B 72 -9.24 -9.21 5.13
CA SER B 72 -9.20 -9.18 5.06
C SER B 72 -9.70 -7.78 4.86
C SER B 72 -9.70 -7.75 4.85
N LEU B 73 -9.92 -6.99 5.91
CA LEU B 73 -10.38 -5.61 5.70
C LEU B 73 -9.27 -4.80 5.01
N LEU B 74 -8.04 -4.95 5.48
CA LEU B 74 -6.94 -4.21 4.83
C LEU B 74 -6.78 -4.63 3.37
N GLY B 75 -6.87 -5.94 3.09
CA GLY B 75 -6.90 -6.43 1.73
C GLY B 75 -8.00 -5.82 0.88
N HIS B 76 -9.21 -5.79 1.47
CA HIS B 76 -10.33 -5.15 0.83
C HIS B 76 -10.07 -3.68 0.42
N LEU B 77 -9.33 -2.94 1.23
CA LEU B 77 -8.93 -1.58 0.85
C LEU B 77 -8.15 -1.55 -0.45
N MET B 78 -7.24 -2.50 -0.60
CA MET B 78 -6.41 -2.57 -1.84
C MET B 78 -7.23 -3.01 -3.07
N ILE B 79 -8.10 -3.99 -2.89
CA ILE B 79 -9.00 -4.43 -3.96
C ILE B 79 -9.91 -3.27 -4.37
N VAL B 80 -10.53 -2.58 -3.42
CA VAL B 80 -11.38 -1.45 -3.81
C VAL B 80 -10.56 -0.36 -4.50
N GLY B 81 -9.37 -0.16 -3.96
CA GLY B 81 -8.42 0.79 -4.56
C GLY B 81 -8.19 0.52 -6.06
N LYS B 82 -7.80 -0.73 -6.34
CA LYS B 82 -7.49 -1.10 -7.70
C LYS B 82 -8.76 -1.04 -8.58
N LYS B 83 -9.95 -1.44 -8.09
N LYS B 83 -9.95 -1.41 -8.12
CA LYS B 83 -11.17 -1.31 -8.85
CA LYS B 83 -11.08 -1.29 -9.03
C LYS B 83 -11.48 0.15 -9.22
C LYS B 83 -11.47 0.18 -9.26
N CYS B 84 -11.37 1.02 -8.23
CA CYS B 84 -11.66 2.43 -8.38
C CYS B 84 -10.66 3.07 -9.36
N ALA B 85 -9.38 2.60 -9.33
CA ALA B 85 -8.35 3.19 -10.21
C ALA B 85 -8.73 2.83 -11.65
N ALA B 86 -9.21 1.61 -11.86
CA ALA B 86 -9.57 1.19 -13.20
C ALA B 86 -10.77 1.99 -13.68
N ASP B 87 -11.73 2.20 -12.80
CA ASP B 87 -12.95 2.95 -13.15
C ASP B 87 -12.65 4.42 -13.45
N LEU B 88 -11.59 4.94 -12.85
CA LEU B 88 -11.19 6.32 -13.09
C LEU B 88 -10.22 6.42 -14.25
N GLY B 89 -9.97 5.35 -14.97
CA GLY B 89 -9.19 5.43 -16.22
C GLY B 89 -7.67 5.35 -16.02
N LEU B 90 -7.20 4.79 -14.89
CA LEU B 90 -5.70 4.79 -14.67
C LEU B 90 -5.07 3.55 -15.34
N ASN B 91 -5.16 3.50 -16.67
CA ASN B 91 -4.67 2.35 -17.42
C ASN B 91 -3.15 2.33 -17.55
N LYS B 92 -2.45 3.43 -17.26
N LYS B 92 -2.45 3.41 -17.24
CA LYS B 92 -0.98 3.44 -17.31
CA LYS B 92 -0.99 3.40 -17.31
C LYS B 92 -0.38 3.15 -15.93
C LYS B 92 -0.38 3.20 -15.92
N GLY B 93 -1.22 2.98 -14.90
CA GLY B 93 -0.66 2.63 -13.57
C GLY B 93 -0.92 3.67 -12.50
N TYR B 94 -0.40 3.38 -11.33
CA TYR B 94 -0.67 4.22 -10.17
C TYR B 94 0.19 3.69 -9.02
N ARG B 95 0.16 4.45 -7.94
CA ARG B 95 0.90 4.12 -6.70
C ARG B 95 -0.02 4.14 -5.49
N MET B 96 0.07 3.09 -4.66
CA MET B 96 -0.67 2.94 -3.40
C MET B 96 0.27 3.18 -2.22
N VAL B 97 -0.18 4.00 -1.25
CA VAL B 97 0.60 4.40 -0.10
C VAL B 97 -0.22 4.28 1.20
N VAL B 98 0.33 3.65 2.24
CA VAL B 98 -0.15 3.74 3.67
C VAL B 98 1.00 4.29 4.53
N ASN B 99 0.75 5.36 5.28
CA ASN B 99 1.69 6.01 6.14
C ASN B 99 1.43 5.69 7.61
N GLU B 100 2.54 5.54 8.33
CA GLU B 100 2.53 5.36 9.75
C GLU B 100 3.40 6.42 10.42
N GLY B 101 2.83 7.12 11.41
CA GLY B 101 3.63 7.93 12.36
C GLY B 101 4.30 9.13 11.73
N SER B 102 5.21 9.69 12.50
CA SER B 102 5.85 10.92 12.11
C SER B 102 6.76 10.76 10.89
N ASP B 103 7.58 9.73 10.87
CA ASP B 103 8.50 9.47 9.73
C ASP B 103 7.68 9.11 8.49
N GLY B 104 6.48 8.55 8.69
CA GLY B 104 5.62 8.24 7.55
C GLY B 104 4.91 9.46 7.01
N GLY B 105 4.95 10.57 7.78
CA GLY B 105 4.16 11.75 7.39
C GLY B 105 2.69 11.72 7.80
N GLN B 106 2.28 10.89 8.75
CA GLN B 106 0.83 10.80 9.14
C GLN B 106 0.55 11.81 10.27
N SER B 107 -0.53 12.63 10.21
CA SER B 107 -1.06 13.31 11.43
C SER B 107 -2.53 12.98 11.72
N VAL B 108 -3.22 12.55 10.66
CA VAL B 108 -4.62 12.07 10.73
C VAL B 108 -4.66 10.60 11.07
N TYR B 109 -5.02 10.26 12.31
CA TYR B 109 -4.95 8.92 12.86
C TYR B 109 -6.22 8.14 12.58
N HIS B 110 -6.38 7.80 11.30
CA HIS B 110 -7.35 6.81 10.83
C HIS B 110 -6.75 6.19 9.57
N VAL B 111 -6.61 4.86 9.54
CA VAL B 111 -5.91 4.22 8.41
C VAL B 111 -6.51 4.67 7.09
N HIS B 112 -5.64 5.01 6.13
CA HIS B 112 -6.13 5.46 4.81
C HIS B 112 -5.10 5.13 3.74
N LEU B 113 -5.61 4.44 2.74
CA LEU B 113 -4.79 4.05 1.58
C LEU B 113 -4.91 5.12 0.52
N HIS B 114 -3.79 5.74 0.17
CA HIS B 114 -3.71 6.70 -0.98
C HIS B 114 -3.58 5.91 -2.28
N VAL B 115 -4.23 6.40 -3.33
CA VAL B 115 -4.00 5.96 -4.68
C VAL B 115 -3.70 7.19 -5.56
N LEU B 116 -2.49 7.25 -6.16
CA LEU B 116 -2.11 8.39 -7.00
C LEU B 116 -1.81 7.94 -8.42
N GLY B 117 -2.24 8.67 -9.42
CA GLY B 117 -1.98 8.29 -10.82
C GLY B 117 -2.20 9.49 -11.76
N GLY B 118 -2.10 9.25 -13.03
CA GLY B 118 -2.23 10.27 -14.05
C GLY B 118 -0.99 11.08 -14.32
N ARG B 119 0.13 10.70 -13.71
CA ARG B 119 1.42 11.25 -14.02
C ARG B 119 2.45 10.15 -13.74
N GLN B 120 3.66 10.34 -14.25
CA GLN B 120 4.75 9.49 -13.81
C GLN B 120 5.03 9.74 -12.32
N MET B 121 4.99 8.66 -11.53
CA MET B 121 5.44 8.70 -10.16
C MET B 121 6.94 8.38 -10.11
N HIS B 122 7.70 8.96 -9.19
CA HIS B 122 9.15 8.86 -9.15
C HIS B 122 9.63 8.02 -7.98
N TRP B 123 10.93 7.69 -8.07
CA TRP B 123 11.57 6.90 -7.04
C TRP B 123 12.71 7.74 -6.47
N PRO B 124 12.94 7.76 -5.18
CA PRO B 124 12.17 7.04 -4.17
C PRO B 124 10.78 7.64 -3.91
N PRO B 125 9.94 6.89 -3.19
CA PRO B 125 8.56 7.36 -2.97
C PRO B 125 8.50 8.29 -1.77
N GLY B 126 9.11 9.43 -1.94
CA GLY B 126 9.40 10.34 -0.85
C GLY B 126 10.62 9.98 -0.05
#